data_6FBB
#
_entry.id   6FBB
#
_cell.length_a   82.528
_cell.length_b   112.241
_cell.length_c   62.725
_cell.angle_alpha   90.00
_cell.angle_beta   90.00
_cell.angle_gamma   90.00
#
_symmetry.space_group_name_H-M   'C 2 2 21'
#
loop_
_entity.id
_entity.type
_entity.pdbx_description
1 polymer '14-3-3 protein sigma'
2 polymer Shroom3
3 non-polymer 'MAGNESIUM ION'
4 non-polymer 'CHLORIDE ION'
5 water water
#
loop_
_entity_poly.entity_id
_entity_poly.type
_entity_poly.pdbx_seq_one_letter_code
_entity_poly.pdbx_strand_id
1 'polypeptide(L)'
;GAMGSMERASLIQKAKLAEQAERYEDMAAFMKGAVEKGEELSCEERNLLSVAYKNVVGGQRAAWRVLSSIEQKSNEEGSE
EKGPEVREYREKVETELQGVCDTVLGLLDSHLIKEAGDAESRVFYLKMKGDYYRYLAEVATGDDKKRIIDSARSAYQEAM
DISKKEMPPTNPIRLGLALNFSVFHYEIANSPEEAISLAKTTFDEAMADLHTLSEDSYKDSTLIMQLLRDNLTLWT
;
A
2 'polypeptide(L)' SR(SEP)SP P
#
# COMPACT_ATOMS: atom_id res chain seq x y z
N GLY A 1 -10.62 11.92 -18.99
CA GLY A 1 -9.83 13.03 -18.39
C GLY A 1 -8.75 13.54 -19.32
N ALA A 2 -7.75 14.20 -18.74
CA ALA A 2 -6.74 14.91 -19.49
C ALA A 2 -5.82 13.97 -20.26
N MET A 3 -5.76 12.69 -19.88
CA MET A 3 -4.97 11.70 -20.61
C MET A 3 -5.76 10.96 -21.67
N GLY A 4 -7.04 11.31 -21.88
CA GLY A 4 -7.87 10.56 -22.79
C GLY A 4 -7.38 10.57 -24.23
N SER A 5 -6.63 11.61 -24.62
CA SER A 5 -6.15 11.72 -25.98
CA SER A 5 -6.14 11.74 -25.97
C SER A 5 -4.79 11.07 -26.21
N MET A 6 -4.14 10.57 -25.17
CA MET A 6 -2.81 9.99 -25.32
C MET A 6 -2.89 8.48 -25.45
N GLU A 7 -2.08 7.93 -26.36
CA GLU A 7 -2.02 6.48 -26.55
C GLU A 7 -1.64 5.77 -25.24
N ARG A 8 -2.24 4.60 -25.04
CA ARG A 8 -1.88 3.77 -23.90
C ARG A 8 -0.37 3.54 -23.81
N ALA A 9 0.27 3.20 -24.93
CA ALA A 9 1.68 2.87 -24.88
C ALA A 9 2.50 4.11 -24.54
N SER A 10 2.07 5.28 -25.00
CA SER A 10 2.76 6.52 -24.68
C SER A 10 2.64 6.88 -23.20
N LEU A 11 1.47 6.60 -22.62
CA LEU A 11 1.28 6.84 -21.19
C LEU A 11 2.21 5.96 -20.37
N ILE A 12 2.34 4.70 -20.74
N ILE A 12 2.37 4.71 -20.75
CA ILE A 12 3.26 3.79 -20.06
CA ILE A 12 3.27 3.82 -20.02
C ILE A 12 4.70 4.26 -20.21
C ILE A 12 4.71 4.25 -20.22
N GLN A 13 5.09 4.64 -21.43
CA GLN A 13 6.43 5.13 -21.67
C GLN A 13 6.72 6.35 -20.80
N LYS A 14 5.77 7.28 -20.74
CA LYS A 14 5.96 8.48 -19.94
C LYS A 14 5.93 8.19 -18.45
N ALA A 15 5.15 7.21 -17.99
CA ALA A 15 5.22 6.82 -16.60
C ALA A 15 6.64 6.37 -16.22
N LYS A 16 7.29 5.61 -17.11
CA LYS A 16 8.65 5.15 -16.84
C LYS A 16 9.63 6.33 -16.83
N LEU A 17 9.45 7.30 -17.72
CA LEU A 17 10.27 8.51 -17.69
C LEU A 17 10.07 9.30 -16.41
N ALA A 18 8.80 9.45 -16.00
CA ALA A 18 8.51 10.17 -14.77
C ALA A 18 9.14 9.50 -13.56
N GLU A 19 9.13 8.16 -13.53
CA GLU A 19 9.82 7.45 -12.46
C GLU A 19 11.31 7.80 -12.43
N GLN A 20 11.96 7.77 -13.60
CA GLN A 20 13.39 8.09 -13.64
C GLN A 20 13.66 9.50 -13.16
N ALA A 21 12.74 10.43 -13.43
CA ALA A 21 12.87 11.82 -13.03
C ALA A 21 12.33 12.09 -11.63
N GLU A 22 11.87 11.05 -10.93
CA GLU A 22 11.29 11.19 -9.58
C GLU A 22 10.10 12.17 -9.57
N ARG A 23 9.33 12.14 -10.64
CA ARG A 23 8.12 12.95 -10.78
C ARG A 23 6.91 12.05 -10.56
N TYR A 24 6.67 11.73 -9.29
CA TYR A 24 5.69 10.69 -8.98
C TYR A 24 4.27 11.12 -9.19
N GLU A 25 3.94 12.40 -9.00
CA GLU A 25 2.58 12.86 -9.32
CA GLU A 25 2.59 12.87 -9.31
C GLU A 25 2.30 12.70 -10.81
N ASP A 26 3.25 13.08 -11.66
CA ASP A 26 3.08 12.85 -13.09
C ASP A 26 2.94 11.37 -13.38
N MET A 27 3.81 10.56 -12.77
CA MET A 27 3.77 9.11 -12.97
C MET A 27 2.40 8.56 -12.65
N ALA A 28 1.81 9.00 -11.54
CA ALA A 28 0.50 8.51 -11.14
C ALA A 28 -0.57 8.95 -12.13
N ALA A 29 -0.51 10.20 -12.61
CA ALA A 29 -1.48 10.66 -13.59
C ALA A 29 -1.37 9.88 -14.89
N PHE A 30 -0.16 9.57 -15.34
CA PHE A 30 0.00 8.78 -16.55
C PHE A 30 -0.58 7.38 -16.36
N MET A 31 -0.31 6.76 -15.20
CA MET A 31 -0.81 5.41 -14.95
C MET A 31 -2.32 5.37 -14.78
N LYS A 32 -2.90 6.39 -14.15
CA LYS A 32 -4.35 6.50 -14.12
C LYS A 32 -4.93 6.56 -15.53
N GLY A 33 -4.31 7.36 -16.40
CA GLY A 33 -4.75 7.41 -17.77
C GLY A 33 -4.66 6.06 -18.46
N ALA A 34 -3.57 5.33 -18.20
CA ALA A 34 -3.43 3.99 -18.79
C ALA A 34 -4.52 3.05 -18.29
N VAL A 35 -4.80 3.05 -16.99
CA VAL A 35 -5.85 2.18 -16.46
C VAL A 35 -7.18 2.51 -17.13
N GLU A 36 -7.45 3.80 -17.30
CA GLU A 36 -8.73 4.22 -17.84
C GLU A 36 -8.93 3.89 -19.31
N LYS A 37 -7.89 3.40 -19.99
CA LYS A 37 -8.09 2.85 -21.33
C LYS A 37 -8.94 1.59 -21.32
N GLY A 38 -9.05 0.91 -20.17
CA GLY A 38 -9.97 -0.18 -20.01
C GLY A 38 -9.38 -1.56 -20.23
N GLU A 39 -8.13 -1.66 -20.67
CA GLU A 39 -7.48 -2.95 -20.79
C GLU A 39 -6.86 -3.35 -19.46
N GLU A 40 -6.76 -4.66 -19.25
CA GLU A 40 -6.05 -5.17 -18.09
C GLU A 40 -4.57 -4.72 -18.12
N LEU A 41 -3.94 -4.73 -16.96
CA LEU A 41 -2.54 -4.33 -16.82
C LEU A 41 -1.65 -5.56 -16.71
N SER A 42 -0.51 -5.50 -17.38
CA SER A 42 0.51 -6.51 -17.21
C SER A 42 1.18 -6.40 -15.84
N CYS A 43 2.02 -7.37 -15.51
CA CYS A 43 2.73 -7.34 -14.24
C CYS A 43 3.56 -6.06 -14.10
N GLU A 44 4.32 -5.71 -15.14
CA GLU A 44 5.14 -4.51 -15.09
C GLU A 44 4.28 -3.27 -14.92
N GLU A 45 3.15 -3.22 -15.63
CA GLU A 45 2.26 -2.07 -15.53
C GLU A 45 1.62 -1.95 -14.15
N ARG A 46 1.24 -3.07 -13.53
CA ARG A 46 0.72 -3.04 -12.16
C ARG A 46 1.76 -2.47 -11.23
N ASN A 47 3.01 -2.85 -11.42
CA ASN A 47 4.06 -2.33 -10.56
C ASN A 47 4.27 -0.84 -10.75
N LEU A 48 4.16 -0.34 -12.00
CA LEU A 48 4.26 1.10 -12.22
C LEU A 48 3.14 1.84 -11.50
N LEU A 49 1.92 1.31 -11.58
CA LEU A 49 0.78 1.92 -10.89
C LEU A 49 1.04 2.00 -9.39
N SER A 50 1.50 0.90 -8.82
CA SER A 50 1.75 0.83 -7.38
C SER A 50 2.87 1.79 -6.98
N VAL A 51 3.99 1.78 -7.70
CA VAL A 51 5.11 2.66 -7.35
C VAL A 51 4.65 4.12 -7.35
N ALA A 52 3.89 4.50 -8.38
CA ALA A 52 3.51 5.90 -8.52
C ALA A 52 2.68 6.35 -7.33
N TYR A 53 1.59 5.64 -7.04
CA TYR A 53 0.70 6.08 -5.96
C TYR A 53 1.32 5.87 -4.59
N LYS A 54 2.16 4.85 -4.41
CA LYS A 54 2.80 4.69 -3.12
CA LYS A 54 2.89 4.64 -3.07
C LYS A 54 3.68 5.88 -2.80
N ASN A 55 4.41 6.39 -3.79
CA ASN A 55 5.26 7.54 -3.57
CA ASN A 55 5.26 7.55 -3.56
C ASN A 55 4.44 8.81 -3.33
N VAL A 56 3.35 9.00 -4.08
CA VAL A 56 2.51 10.17 -3.85
C VAL A 56 1.92 10.14 -2.45
N VAL A 57 1.24 9.04 -2.10
CA VAL A 57 0.60 8.98 -0.79
CA VAL A 57 0.60 8.96 -0.79
C VAL A 57 1.64 8.95 0.32
N GLY A 58 2.82 8.38 0.06
CA GLY A 58 3.87 8.35 1.08
C GLY A 58 4.30 9.75 1.48
N GLY A 59 4.42 10.66 0.52
CA GLY A 59 4.77 12.03 0.85
C GLY A 59 3.66 12.71 1.62
N GLN A 60 2.41 12.45 1.23
CA GLN A 60 1.28 13.03 1.95
C GLN A 60 1.20 12.50 3.39
N ARG A 61 1.41 11.19 3.57
CA ARG A 61 1.38 10.61 4.91
C ARG A 61 2.47 11.22 5.79
N ALA A 62 3.67 11.36 5.25
CA ALA A 62 4.75 11.94 6.04
C ALA A 62 4.41 13.36 6.45
N ALA A 63 3.86 14.15 5.52
CA ALA A 63 3.47 15.53 5.82
C ALA A 63 2.36 15.57 6.87
N TRP A 64 1.36 14.71 6.71
CA TRP A 64 0.26 14.65 7.66
C TRP A 64 0.77 14.32 9.07
N ARG A 65 1.73 13.40 9.18
CA ARG A 65 2.25 13.05 10.49
CA ARG A 65 2.24 13.06 10.50
C ARG A 65 2.97 14.24 11.12
N VAL A 66 3.73 15.01 10.33
CA VAL A 66 4.40 16.19 10.87
C VAL A 66 3.36 17.17 11.42
N LEU A 67 2.33 17.45 10.62
CA LEU A 67 1.34 18.45 11.00
C LEU A 67 0.50 17.97 12.18
N SER A 68 0.14 16.69 12.18
CA SER A 68 -0.64 16.17 13.30
CA SER A 68 -0.64 16.15 13.30
C SER A 68 0.14 16.22 14.60
N SER A 69 1.45 15.98 14.56
CA SER A 69 2.26 16.09 15.76
CA SER A 69 2.26 16.10 15.76
C SER A 69 2.29 17.53 16.28
N ILE A 70 2.42 18.51 15.37
CA ILE A 70 2.39 19.91 15.78
C ILE A 70 1.04 20.25 16.39
N GLU A 71 -0.03 19.76 15.77
CA GLU A 71 -1.39 20.03 16.27
C GLU A 71 -1.59 19.44 17.66
N GLN A 72 -1.13 18.21 17.86
CA GLN A 72 -1.28 17.61 19.18
CA GLN A 72 -1.25 17.57 19.18
C GLN A 72 -0.47 18.36 20.23
N LYS A 73 0.72 18.84 19.88
CA LYS A 73 1.50 19.64 20.80
C LYS A 73 0.77 20.92 21.18
N SER A 74 0.15 21.58 20.20
CA SER A 74 -0.57 22.82 20.47
C SER A 74 -1.75 22.61 21.42
N ASN A 75 -2.26 21.39 21.51
CA ASN A 75 -3.43 21.10 22.33
C ASN A 75 -3.04 20.58 23.71
N GLU A 76 -1.81 20.83 24.15
CA GLU A 76 -1.37 20.40 25.47
C GLU A 76 -1.55 21.54 26.49
N GLY A 78 -0.26 24.02 28.65
CA GLY A 78 0.49 25.26 28.75
C GLY A 78 0.90 25.80 27.38
N SER A 79 0.29 25.25 26.33
CA SER A 79 0.61 25.67 24.97
C SER A 79 -0.16 26.94 24.64
N GLU A 80 0.53 27.91 24.04
CA GLU A 80 -0.10 29.17 23.68
C GLU A 80 -1.02 28.98 22.49
N GLU A 81 -2.20 29.61 22.55
CA GLU A 81 -3.15 29.54 21.45
C GLU A 81 -2.56 30.26 20.24
N LYS A 82 -2.57 29.57 19.09
CA LYS A 82 -2.05 30.12 17.85
C LYS A 82 -3.11 30.19 16.76
N GLY A 83 -4.37 29.95 17.09
CA GLY A 83 -5.43 30.10 16.12
C GLY A 83 -5.70 28.81 15.36
N PRO A 84 -6.52 28.92 14.31
CA PRO A 84 -6.98 27.74 13.58
C PRO A 84 -6.03 27.22 12.52
N GLU A 85 -4.88 27.86 12.31
CA GLU A 85 -4.08 27.61 11.12
C GLU A 85 -3.50 26.19 11.07
N VAL A 86 -3.01 25.66 12.20
CA VAL A 86 -2.45 24.31 12.19
CA VAL A 86 -2.44 24.32 12.13
C VAL A 86 -3.51 23.29 11.81
N ARG A 87 -4.67 23.38 12.46
CA ARG A 87 -5.77 22.48 12.13
C ARG A 87 -6.18 22.63 10.67
N GLU A 88 -6.32 23.87 10.19
CA GLU A 88 -6.72 24.08 8.81
C GLU A 88 -5.75 23.44 7.84
N TYR A 89 -4.44 23.62 8.05
CA TYR A 89 -3.47 23.10 7.11
C TYR A 89 -3.36 21.58 7.21
N ARG A 90 -3.45 21.03 8.43
CA ARG A 90 -3.53 19.57 8.58
C ARG A 90 -4.74 19.02 7.83
N GLU A 91 -5.89 19.69 7.94
CA GLU A 91 -7.08 19.28 7.22
C GLU A 91 -6.89 19.36 5.71
N LYS A 92 -6.18 20.38 5.23
CA LYS A 92 -5.93 20.50 3.80
C LYS A 92 -5.14 19.31 3.28
N VAL A 93 -4.04 18.99 3.98
CA VAL A 93 -3.22 17.85 3.58
C VAL A 93 -4.01 16.56 3.70
N GLU A 94 -4.80 16.42 4.78
CA GLU A 94 -5.61 15.22 4.98
C GLU A 94 -6.60 15.03 3.84
N THR A 95 -7.26 16.11 3.43
CA THR A 95 -8.25 16.01 2.36
C THR A 95 -7.58 15.60 1.05
N GLU A 96 -6.39 16.14 0.77
CA GLU A 96 -5.68 15.74 -0.44
CA GLU A 96 -5.66 15.75 -0.44
C GLU A 96 -5.29 14.27 -0.39
N LEU A 97 -4.82 13.81 0.77
CA LEU A 97 -4.47 12.40 0.96
CA LEU A 97 -4.47 12.40 0.95
C LEU A 97 -5.69 11.52 0.74
N GLN A 98 -6.82 11.87 1.34
CA GLN A 98 -8.04 11.09 1.16
C GLN A 98 -8.45 11.08 -0.30
N GLY A 99 -8.23 12.17 -1.01
CA GLY A 99 -8.57 12.21 -2.42
C GLY A 99 -7.74 11.25 -3.25
N VAL A 100 -6.45 11.15 -2.94
CA VAL A 100 -5.59 10.20 -3.65
C VAL A 100 -6.04 8.77 -3.35
N CYS A 101 -6.31 8.47 -2.07
CA CYS A 101 -6.80 7.14 -1.73
C CYS A 101 -8.10 6.82 -2.45
N ASP A 102 -9.03 7.77 -2.48
CA ASP A 102 -10.29 7.54 -3.18
C ASP A 102 -10.07 7.32 -4.67
N THR A 103 -9.09 8.01 -5.25
CA THR A 103 -8.79 7.82 -6.67
C THR A 103 -8.32 6.40 -6.92
N VAL A 104 -7.39 5.92 -6.09
CA VAL A 104 -6.85 4.56 -6.26
C VAL A 104 -7.97 3.54 -6.06
N LEU A 105 -8.75 3.69 -4.99
CA LEU A 105 -9.85 2.76 -4.74
C LEU A 105 -10.85 2.78 -5.89
N GLY A 106 -11.06 3.95 -6.49
CA GLY A 106 -11.95 4.04 -7.64
C GLY A 106 -11.44 3.29 -8.85
N LEU A 107 -10.13 3.34 -9.12
CA LEU A 107 -9.56 2.57 -10.22
C LEU A 107 -9.70 1.08 -9.95
N LEU A 108 -9.49 0.66 -8.70
CA LEU A 108 -9.62 -0.76 -8.36
C LEU A 108 -11.06 -1.24 -8.54
N ASP A 109 -12.03 -0.40 -8.17
CA ASP A 109 -13.44 -0.77 -8.27
C ASP A 109 -14.00 -0.62 -9.68
N SER A 110 -13.36 0.17 -10.53
CA SER A 110 -13.85 0.43 -11.89
C SER A 110 -12.68 0.44 -12.87
N HIS A 111 -12.18 -0.73 -13.30
CA HIS A 111 -12.75 -2.06 -13.05
C HIS A 111 -11.64 -3.08 -12.88
N LEU A 112 -10.53 -2.70 -12.24
CA LEU A 112 -9.36 -3.57 -12.20
C LEU A 112 -9.66 -4.88 -11.48
N ILE A 113 -10.28 -4.82 -10.30
CA ILE A 113 -10.46 -6.04 -9.53
C ILE A 113 -11.39 -7.01 -10.25
N LYS A 114 -12.51 -6.52 -10.76
CA LYS A 114 -13.49 -7.45 -11.30
C LYS A 114 -12.99 -8.17 -12.55
N GLU A 115 -12.04 -7.59 -13.27
CA GLU A 115 -11.50 -8.24 -14.45
C GLU A 115 -10.27 -9.10 -14.16
N ALA A 116 -9.79 -9.09 -12.90
CA ALA A 116 -8.56 -9.79 -12.54
C ALA A 116 -8.90 -11.21 -12.10
N GLY A 117 -8.51 -12.18 -12.92
CA GLY A 117 -8.81 -13.58 -12.67
C GLY A 117 -7.60 -14.41 -12.22
N ASP A 118 -6.41 -14.03 -12.66
CA ASP A 118 -5.24 -14.78 -12.25
C ASP A 118 -4.89 -14.39 -10.82
N ALA A 119 -4.30 -15.33 -10.09
CA ALA A 119 -4.01 -15.06 -8.68
C ALA A 119 -3.06 -13.88 -8.53
N GLU A 120 -2.06 -13.78 -9.40
N GLU A 120 -2.05 -13.77 -9.39
CA GLU A 120 -1.06 -12.74 -9.24
CA GLU A 120 -1.05 -12.72 -9.19
C GLU A 120 -1.68 -11.35 -9.35
C GLU A 120 -1.66 -11.33 -9.36
N SER A 121 -2.60 -11.17 -10.29
CA SER A 121 -3.23 -9.88 -10.47
C SER A 121 -4.27 -9.62 -9.38
N ARG A 122 -5.10 -10.62 -9.08
CA ARG A 122 -6.17 -10.42 -8.12
C ARG A 122 -5.61 -10.13 -6.73
N VAL A 123 -4.61 -10.90 -6.30
CA VAL A 123 -4.00 -10.65 -5.00
C VAL A 123 -3.35 -9.28 -4.97
N PHE A 124 -2.64 -8.91 -6.03
CA PHE A 124 -2.01 -7.60 -6.11
C PHE A 124 -3.02 -6.49 -5.88
N TYR A 125 -4.17 -6.55 -6.57
CA TYR A 125 -5.16 -5.48 -6.48
C TYR A 125 -5.87 -5.48 -5.13
N LEU A 126 -6.15 -6.67 -4.58
CA LEU A 126 -6.81 -6.71 -3.29
C LEU A 126 -5.88 -6.22 -2.19
N LYS A 127 -4.58 -6.53 -2.30
N LYS A 127 -4.58 -6.53 -2.30
CA LYS A 127 -3.60 -5.96 -1.39
CA LYS A 127 -3.61 -5.95 -1.38
C LYS A 127 -3.61 -4.43 -1.48
C LYS A 127 -3.63 -4.43 -1.48
N MET A 128 -3.63 -3.91 -2.70
CA MET A 128 -3.69 -2.46 -2.88
C MET A 128 -4.94 -1.89 -2.23
N LYS A 129 -6.08 -2.55 -2.41
CA LYS A 129 -7.32 -2.09 -1.78
C LYS A 129 -7.16 -2.02 -0.28
N GLY A 130 -6.58 -3.07 0.33
CA GLY A 130 -6.33 -3.03 1.77
C GLY A 130 -5.42 -1.90 2.16
N ASP A 131 -4.34 -1.70 1.39
CA ASP A 131 -3.38 -0.65 1.71
C ASP A 131 -4.03 0.73 1.71
N TYR A 132 -4.83 1.05 0.67
CA TYR A 132 -5.36 2.40 0.59
C TYR A 132 -6.50 2.62 1.59
N TYR A 133 -7.26 1.59 1.94
CA TYR A 133 -8.15 1.73 3.09
C TYR A 133 -7.36 1.90 4.38
N ARG A 134 -6.21 1.21 4.52
CA ARG A 134 -5.37 1.40 5.70
C ARG A 134 -4.88 2.84 5.80
N TYR A 135 -4.47 3.44 4.69
CA TYR A 135 -4.07 4.85 4.73
C TYR A 135 -5.23 5.76 5.12
N LEU A 136 -6.44 5.45 4.62
CA LEU A 136 -7.62 6.21 5.08
C LEU A 136 -7.83 6.02 6.58
N ALA A 137 -7.58 4.80 7.08
CA ALA A 137 -7.80 4.54 8.50
C ALA A 137 -6.82 5.31 9.38
N GLU A 138 -5.60 5.55 8.87
CA GLU A 138 -4.60 6.27 9.64
C GLU A 138 -5.07 7.67 10.02
N VAL A 139 -5.91 8.30 9.20
CA VAL A 139 -6.37 9.67 9.42
C VAL A 139 -7.82 9.73 9.85
N ALA A 140 -8.51 8.62 9.94
CA ALA A 140 -9.93 8.62 10.25
C ALA A 140 -10.15 8.79 11.75
N THR A 141 -11.23 9.49 12.08
CA THR A 141 -11.64 9.71 13.46
C THR A 141 -13.15 9.67 13.55
N LYS A 145 -14.67 5.42 11.00
CA LYS A 145 -13.36 4.78 11.15
C LYS A 145 -13.51 3.27 11.26
N LYS A 146 -14.50 2.81 12.03
CA LYS A 146 -14.68 1.37 12.15
C LYS A 146 -14.97 0.74 10.79
N ARG A 147 -15.80 1.40 9.96
CA ARG A 147 -16.13 0.83 8.66
C ARG A 147 -14.92 0.84 7.74
N ILE A 148 -14.08 1.88 7.83
CA ILE A 148 -12.87 1.93 7.01
C ILE A 148 -11.92 0.81 7.41
N ILE A 149 -11.74 0.61 8.72
CA ILE A 149 -10.90 -0.48 9.20
C ILE A 149 -11.44 -1.82 8.71
N ASP A 150 -12.76 -2.02 8.75
CA ASP A 150 -13.30 -3.30 8.31
C ASP A 150 -13.13 -3.49 6.81
N SER A 151 -13.18 -2.40 6.04
CA SER A 151 -12.95 -2.51 4.60
C SER A 151 -11.51 -2.92 4.31
N ALA A 152 -10.55 -2.35 5.02
CA ALA A 152 -9.16 -2.77 4.86
C ALA A 152 -9.00 -4.23 5.22
N ARG A 153 -9.53 -4.62 6.38
CA ARG A 153 -9.43 -6.00 6.83
CA ARG A 153 -9.43 -6.00 6.83
C ARG A 153 -10.00 -6.97 5.81
N SER A 154 -11.18 -6.65 5.29
CA SER A 154 -11.87 -7.54 4.35
CA SER A 154 -11.85 -7.55 4.36
C SER A 154 -11.06 -7.73 3.08
N ALA A 155 -10.49 -6.65 2.55
CA ALA A 155 -9.68 -6.74 1.33
C ALA A 155 -8.43 -7.58 1.57
N TYR A 156 -7.72 -7.30 2.66
CA TYR A 156 -6.53 -8.08 2.98
C TYR A 156 -6.89 -9.56 3.17
N GLN A 157 -8.02 -9.84 3.84
CA GLN A 157 -8.38 -11.23 4.11
C GLN A 157 -8.68 -11.98 2.83
N GLU A 158 -9.41 -11.36 1.90
CA GLU A 158 -9.68 -12.03 0.63
C GLU A 158 -8.37 -12.28 -0.12
N ALA A 159 -7.47 -11.30 -0.10
CA ALA A 159 -6.18 -11.49 -0.76
C ALA A 159 -5.40 -12.62 -0.11
N MET A 160 -5.43 -12.70 1.23
CA MET A 160 -4.72 -13.76 1.95
C MET A 160 -5.28 -15.12 1.57
N ASP A 161 -6.60 -15.24 1.50
CA ASP A 161 -7.21 -16.53 1.20
C ASP A 161 -6.77 -17.02 -0.18
N ILE A 162 -6.78 -16.13 -1.18
CA ILE A 162 -6.34 -16.52 -2.52
C ILE A 162 -4.86 -16.86 -2.52
N SER A 163 -4.05 -16.03 -1.86
CA SER A 163 -2.61 -16.21 -1.93
CA SER A 163 -2.61 -16.20 -1.91
C SER A 163 -2.19 -17.53 -1.31
N LYS A 164 -2.86 -17.95 -0.22
CA LYS A 164 -2.49 -19.19 0.42
C LYS A 164 -2.89 -20.39 -0.42
N LYS A 165 -3.96 -20.26 -1.21
CA LYS A 165 -4.38 -21.38 -2.06
C LYS A 165 -3.57 -21.47 -3.34
N GLU A 166 -3.15 -20.32 -3.90
CA GLU A 166 -2.69 -20.26 -5.27
C GLU A 166 -1.21 -19.93 -5.46
N MET A 167 -0.51 -19.50 -4.42
CA MET A 167 0.86 -19.03 -4.55
CA MET A 167 0.86 -19.06 -4.58
C MET A 167 1.75 -19.76 -3.56
N PRO A 168 3.03 -19.98 -3.90
CA PRO A 168 3.96 -20.57 -2.94
C PRO A 168 4.28 -19.60 -1.82
N PRO A 169 4.71 -20.10 -0.66
CA PRO A 169 4.93 -19.21 0.49
C PRO A 169 6.06 -18.21 0.30
N THR A 170 6.91 -18.38 -0.71
CA THR A 170 7.97 -17.44 -1.01
C THR A 170 7.58 -16.40 -2.05
N ASN A 171 6.41 -16.50 -2.64
CA ASN A 171 6.05 -15.57 -3.69
C ASN A 171 6.11 -14.13 -3.15
N PRO A 172 6.83 -13.21 -3.82
CA PRO A 172 6.97 -11.86 -3.25
C PRO A 172 5.67 -11.10 -3.04
N ILE A 173 4.65 -11.34 -3.87
CA ILE A 173 3.37 -10.68 -3.66
C ILE A 173 2.72 -11.21 -2.40
N ARG A 174 2.73 -12.53 -2.23
CA ARG A 174 2.20 -13.14 -1.01
C ARG A 174 2.93 -12.62 0.22
N LEU A 175 4.26 -12.52 0.14
CA LEU A 175 5.03 -12.03 1.28
C LEU A 175 4.73 -10.57 1.59
N GLY A 176 4.68 -9.72 0.57
CA GLY A 176 4.38 -8.32 0.80
C GLY A 176 2.97 -8.10 1.34
N LEU A 177 2.01 -8.90 0.88
CA LEU A 177 0.66 -8.87 1.43
C LEU A 177 0.67 -9.20 2.90
N ALA A 178 1.33 -10.31 3.28
CA ALA A 178 1.37 -10.70 4.68
C ALA A 178 2.07 -9.65 5.52
N LEU A 179 3.16 -9.08 5.00
CA LEU A 179 3.84 -7.99 5.69
C LEU A 179 2.87 -6.85 5.98
N ASN A 180 2.16 -6.39 4.95
CA ASN A 180 1.27 -5.24 5.14
C ASN A 180 0.07 -5.55 6.01
N PHE A 181 -0.48 -6.76 5.90
CA PHE A 181 -1.57 -7.16 6.78
C PHE A 181 -1.09 -7.19 8.22
N SER A 182 0.16 -7.65 8.45
CA SER A 182 0.68 -7.65 9.81
CA SER A 182 0.71 -7.65 9.80
C SER A 182 0.83 -6.23 10.34
N VAL A 183 1.25 -5.29 9.48
CA VAL A 183 1.30 -3.88 9.89
C VAL A 183 -0.10 -3.36 10.21
N PHE A 184 -1.09 -3.70 9.39
CA PHE A 184 -2.47 -3.37 9.71
C PHE A 184 -2.84 -3.83 11.11
N HIS A 185 -2.55 -5.09 11.43
CA HIS A 185 -2.91 -5.60 12.75
C HIS A 185 -2.22 -4.79 13.85
N TYR A 186 -0.94 -4.48 13.67
CA TYR A 186 -0.18 -3.82 14.72
C TYR A 186 -0.55 -2.36 14.89
N GLU A 187 -0.65 -1.64 13.78
CA GLU A 187 -0.75 -0.19 13.79
C GLU A 187 -2.18 0.32 13.72
N ILE A 188 -3.11 -0.46 13.16
CA ILE A 188 -4.48 0.00 12.91
C ILE A 188 -5.48 -0.72 13.80
N ALA A 189 -5.41 -2.05 13.86
CA ALA A 189 -6.44 -2.86 14.49
C ALA A 189 -6.17 -3.14 15.97
N ASN A 190 -5.11 -2.60 16.55
CA ASN A 190 -4.85 -2.80 17.98
C ASN A 190 -4.71 -4.29 18.30
N SER A 191 -4.04 -5.02 17.41
CA SER A 191 -3.89 -6.47 17.53
C SER A 191 -2.42 -6.87 17.37
N PRO A 192 -1.56 -6.41 18.29
CA PRO A 192 -0.12 -6.74 18.14
C PRO A 192 0.18 -8.22 18.15
N GLU A 193 -0.54 -9.03 18.95
CA GLU A 193 -0.28 -10.46 18.94
C GLU A 193 -0.59 -11.10 17.59
N GLU A 194 -1.68 -10.67 16.95
CA GLU A 194 -2.00 -11.17 15.61
C GLU A 194 -0.93 -10.76 14.62
N ALA A 195 -0.44 -9.52 14.73
CA ALA A 195 0.62 -9.05 13.86
C ALA A 195 1.86 -9.92 13.99
N ILE A 196 2.27 -10.18 15.24
CA ILE A 196 3.47 -10.96 15.50
C ILE A 196 3.30 -12.39 14.99
N SER A 197 2.15 -13.01 15.28
CA SER A 197 1.91 -14.37 14.82
CA SER A 197 1.90 -14.38 14.82
C SER A 197 1.95 -14.47 13.30
N LEU A 198 1.29 -13.52 12.62
CA LEU A 198 1.30 -13.56 11.16
C LEU A 198 2.70 -13.39 10.62
N ALA A 199 3.46 -12.45 11.14
CA ALA A 199 4.82 -12.23 10.63
C ALA A 199 5.69 -13.46 10.86
N LYS A 200 5.59 -14.07 12.04
CA LYS A 200 6.40 -15.26 12.35
CA LYS A 200 6.42 -15.23 12.33
C LYS A 200 6.06 -16.41 11.44
N THR A 201 4.77 -16.74 11.32
CA THR A 201 4.36 -17.85 10.48
CA THR A 201 4.41 -17.89 10.49
C THR A 201 4.74 -17.63 9.02
N THR A 202 4.53 -16.40 8.55
CA THR A 202 4.89 -16.09 7.16
C THR A 202 6.39 -16.29 6.94
N PHE A 203 7.20 -15.77 7.86
CA PHE A 203 8.65 -15.89 7.73
C PHE A 203 9.07 -17.34 7.71
N ASP A 204 8.54 -18.13 8.66
CA ASP A 204 8.97 -19.52 8.80
C ASP A 204 8.54 -20.36 7.60
N GLU A 205 7.34 -20.13 7.07
CA GLU A 205 6.91 -20.92 5.91
CA GLU A 205 6.90 -20.92 5.92
C GLU A 205 7.68 -20.54 4.67
N ALA A 206 8.10 -19.29 4.54
CA ALA A 206 8.94 -18.92 3.41
C ALA A 206 10.33 -19.53 3.55
N MET A 207 10.91 -19.47 4.76
N MET A 207 10.90 -19.49 4.76
CA MET A 207 12.22 -20.08 5.00
CA MET A 207 12.22 -20.06 4.98
C MET A 207 12.26 -21.50 4.45
C MET A 207 12.29 -21.51 4.51
N ALA A 208 11.23 -22.28 4.77
CA ALA A 208 11.18 -23.70 4.42
C ALA A 208 11.02 -23.94 2.93
N ASP A 209 10.68 -22.93 2.15
CA ASP A 209 10.48 -23.05 0.71
C ASP A 209 11.63 -22.42 -0.10
N LEU A 210 12.59 -21.77 0.55
CA LEU A 210 13.67 -21.11 -0.18
C LEU A 210 14.47 -22.09 -1.03
N HIS A 211 14.57 -23.35 -0.61
CA HIS A 211 15.40 -24.32 -1.31
C HIS A 211 14.91 -24.59 -2.72
N THR A 212 13.66 -24.24 -3.02
CA THR A 212 13.09 -24.49 -4.35
C THR A 212 13.45 -23.41 -5.36
N LEU A 213 14.09 -22.32 -4.94
CA LEU A 213 14.20 -21.12 -5.73
C LEU A 213 15.55 -20.97 -6.40
N SER A 214 15.55 -20.28 -7.54
CA SER A 214 16.77 -19.83 -8.19
C SER A 214 17.43 -18.75 -7.36
N GLU A 215 18.67 -18.42 -7.72
CA GLU A 215 19.41 -17.36 -7.03
C GLU A 215 18.64 -16.04 -7.07
N ASP A 216 18.09 -15.67 -8.23
CA ASP A 216 17.41 -14.39 -8.33
C ASP A 216 16.10 -14.36 -7.54
N SER A 217 15.33 -15.46 -7.58
CA SER A 217 14.10 -15.52 -6.81
C SER A 217 14.40 -15.53 -5.31
N TYR A 218 15.46 -16.24 -4.92
CA TYR A 218 15.90 -16.22 -3.53
C TYR A 218 16.17 -14.79 -3.05
N LYS A 219 16.86 -13.99 -3.86
CA LYS A 219 17.11 -12.60 -3.49
CA LYS A 219 17.11 -12.60 -3.49
C LYS A 219 15.80 -11.83 -3.33
N ASP A 220 14.86 -12.01 -4.26
CA ASP A 220 13.58 -11.30 -4.18
C ASP A 220 12.83 -11.67 -2.90
N SER A 221 12.77 -12.95 -2.58
CA SER A 221 11.99 -13.38 -1.42
C SER A 221 12.67 -12.98 -0.12
N THR A 222 13.99 -13.16 -0.01
CA THR A 222 14.67 -12.86 1.24
C THR A 222 14.66 -11.36 1.54
N LEU A 223 14.59 -10.51 0.52
CA LEU A 223 14.46 -9.07 0.79
C LEU A 223 13.21 -8.78 1.61
N ILE A 224 12.09 -9.38 1.25
CA ILE A 224 10.85 -9.11 1.98
C ILE A 224 10.85 -9.82 3.31
N MET A 225 11.43 -11.03 3.37
CA MET A 225 11.56 -11.73 4.64
C MET A 225 12.32 -10.89 5.66
N GLN A 226 13.34 -10.16 5.20
CA GLN A 226 14.08 -9.30 6.12
C GLN A 226 13.20 -8.22 6.71
N LEU A 227 12.23 -7.71 5.95
CA LEU A 227 11.32 -6.71 6.50
C LEU A 227 10.43 -7.32 7.57
N LEU A 228 9.96 -8.55 7.35
CA LEU A 228 9.21 -9.23 8.39
C LEU A 228 10.04 -9.37 9.66
N ARG A 229 11.31 -9.75 9.50
CA ARG A 229 12.21 -9.90 10.64
C ARG A 229 12.47 -8.57 11.34
N ASP A 230 12.65 -7.49 10.56
CA ASP A 230 12.84 -6.17 11.15
C ASP A 230 11.66 -5.78 12.02
N ASN A 231 10.44 -6.02 11.53
CA ASN A 231 9.27 -5.71 12.34
C ASN A 231 9.19 -6.59 13.58
N LEU A 232 9.45 -7.88 13.45
CA LEU A 232 9.43 -8.73 14.64
C LEU A 232 10.43 -8.24 15.69
N THR A 233 11.60 -7.79 15.26
CA THR A 233 12.57 -7.25 16.22
C THR A 233 12.05 -5.99 16.91
N LEU A 234 11.35 -5.13 16.16
CA LEU A 234 10.76 -3.93 16.73
C LEU A 234 9.64 -4.26 17.70
N TRP A 235 8.84 -5.28 17.37
CA TRP A 235 7.60 -5.56 18.08
C TRP A 235 7.78 -6.48 19.28
N THR A 236 8.90 -7.19 19.38
CA THR A 236 9.10 -8.15 20.45
C THR A 236 10.36 -7.80 21.23
N SER B 1 6.94 0.66 12.10
CA SER B 1 6.74 -0.60 11.41
C SER B 1 6.98 -0.41 9.91
N ARG B 2 7.71 -1.33 9.31
CA ARG B 2 8.01 -1.29 7.88
C ARG B 2 6.91 -2.01 7.10
N SER B 4 5.55 -2.92 2.84
CA SER B 4 6.16 -3.43 1.62
C SER B 4 6.74 -2.32 0.81
N PRO B 5 7.75 -2.66 -0.03
CA PRO B 5 8.20 -1.76 -1.08
C PRO B 5 7.19 -1.74 -2.23
#